data_8CQU
#
_entry.id   8CQU
#
_cell.length_a   46.009
_cell.length_b   69.426
_cell.length_c   47.790
_cell.angle_alpha   90.000
_cell.angle_beta   98.734
_cell.angle_gamma   90.000
#
_symmetry.space_group_name_H-M   'P 1 21 1'
#
loop_
_entity.id
_entity.type
_entity.pdbx_description
1 polymer 'Putative NADH dehydrogenase/NAD(P)H nitroreductase'
2 non-polymer 'CITRIC ACID'
3 non-polymer 'TERTIARY-BUTYL ALCOHOL'
4 water water
#
_entity_poly.entity_id   1
_entity_poly.type   'polypeptide(L)'
_entity_poly.pdbx_seq_one_letter_code
;GPMENFSELIKNRRSMRKFTDEELTQDEVVALMKAALMSPSSKRSNSWQFVVVDDKEKLKELSHCKEQASSFIADAALAI
VVMADPLASDVWIEDASIASIMIQLQAEDLGLGSCWVQVRERFTATGMPSDEFVHGILDIPLQLQILSVIAIGHKGMERK
PFNEEHLQWEKIHINKFGGK
;
_entity_poly.pdbx_strand_id   A,B
#
# COMPACT_ATOMS: atom_id res chain seq x y z
N ASN A 5 -2.72 11.54 15.97
CA ASN A 5 -3.65 10.69 15.18
C ASN A 5 -2.81 9.64 14.43
N PHE A 6 -2.38 9.96 13.19
CA PHE A 6 -1.98 8.94 12.22
C PHE A 6 -0.74 8.20 12.72
N SER A 7 0.21 9.02 13.13
CA SER A 7 1.38 8.69 13.95
C SER A 7 1.11 7.58 14.97
N GLU A 8 0.02 7.64 15.76
CA GLU A 8 -0.28 6.65 16.79
C GLU A 8 -1.06 5.47 16.20
N LEU A 9 -1.87 5.76 15.19
CA LEU A 9 -2.50 4.76 14.34
C LEU A 9 -1.51 3.70 13.88
N ILE A 10 -0.42 4.11 13.20
CA ILE A 10 0.55 3.14 12.64
C ILE A 10 1.47 2.48 13.68
N LYS A 11 1.73 3.19 14.80
CA LYS A 11 2.49 2.64 15.93
C LYS A 11 1.72 1.45 16.53
N ASN A 12 0.44 1.67 16.77
CA ASN A 12 -0.44 0.72 17.42
C ASN A 12 -0.99 -0.35 16.50
N ARG A 13 -0.95 -0.18 15.16
CA ARG A 13 -1.56 -1.14 14.25
C ARG A 13 -0.69 -2.40 14.20
N ARG A 14 -1.35 -3.55 14.47
CA ARG A 14 -0.77 -4.86 14.32
C ARG A 14 -1.78 -5.81 13.66
N SER A 15 -1.31 -6.77 12.86
CA SER A 15 -2.14 -7.84 12.29
C SER A 15 -2.91 -8.55 13.39
N MET A 16 -4.23 -8.68 13.21
CA MET A 16 -5.08 -9.32 14.18
C MET A 16 -5.62 -10.59 13.54
N ARG A 17 -5.37 -11.75 14.17
CA ARG A 17 -5.78 -13.03 13.61
C ARG A 17 -6.69 -13.76 14.58
N LYS A 18 -7.04 -13.13 15.71
CA LYS A 18 -8.04 -13.72 16.62
C LYS A 18 -9.11 -12.66 16.68
N PHE A 19 -10.37 -13.07 16.60
CA PHE A 19 -11.46 -12.12 16.61
C PHE A 19 -12.51 -12.59 17.59
N THR A 20 -13.29 -11.64 18.06
CA THR A 20 -14.46 -11.98 18.88
C THR A 20 -15.61 -12.22 17.92
N ASP A 21 -16.72 -12.69 18.47
CA ASP A 21 -17.91 -13.01 17.68
C ASP A 21 -18.77 -11.77 17.42
N GLU A 22 -18.42 -10.59 17.96
CA GLU A 22 -19.19 -9.37 17.78
C GLU A 22 -19.31 -9.03 16.28
N GLU A 23 -20.56 -8.92 15.82
CA GLU A 23 -20.96 -8.42 14.52
C GLU A 23 -20.49 -6.97 14.31
N LEU A 24 -20.10 -6.67 13.07
CA LEU A 24 -19.89 -5.31 12.63
C LEU A 24 -21.22 -4.61 12.44
N THR A 25 -21.27 -3.32 12.75
CA THR A 25 -22.43 -2.50 12.42
C THR A 25 -22.42 -2.10 10.94
N GLN A 26 -23.59 -1.74 10.41
CA GLN A 26 -23.66 -1.19 9.07
C GLN A 26 -22.82 0.09 8.95
N ASP A 27 -22.79 0.96 9.96
CA ASP A 27 -21.90 2.12 9.91
C ASP A 27 -20.42 1.74 9.74
N GLU A 28 -19.96 0.68 10.41
CA GLU A 28 -18.58 0.25 10.26
C GLU A 28 -18.33 -0.31 8.85
N VAL A 29 -19.23 -1.17 8.38
CA VAL A 29 -19.13 -1.80 7.09
C VAL A 29 -19.05 -0.71 6.02
N VAL A 30 -19.92 0.27 6.10
CA VAL A 30 -19.91 1.40 5.16
C VAL A 30 -18.60 2.17 5.24
N ALA A 31 -18.10 2.50 6.44
CA ALA A 31 -16.83 3.20 6.58
C ALA A 31 -15.67 2.45 5.89
N LEU A 32 -15.63 1.12 6.05
CA LEU A 32 -14.61 0.30 5.44
C LEU A 32 -14.77 0.35 3.91
N MET A 33 -16.01 0.20 3.42
CA MET A 33 -16.28 0.26 1.99
C MET A 33 -15.89 1.63 1.40
N LYS A 34 -16.21 2.70 2.11
CA LYS A 34 -15.79 4.02 1.68
C LYS A 34 -14.28 4.18 1.67
N ALA A 35 -13.54 3.62 2.65
CA ALA A 35 -12.10 3.72 2.63
C ALA A 35 -11.55 3.07 1.38
N ALA A 36 -12.07 1.87 1.00
CA ALA A 36 -11.70 1.15 -0.22
C ALA A 36 -11.91 2.03 -1.47
N LEU A 37 -13.08 2.65 -1.55
CA LEU A 37 -13.45 3.44 -2.74
C LEU A 37 -12.74 4.79 -2.81
N MET A 38 -12.25 5.30 -1.67
CA MET A 38 -11.53 6.58 -1.61
C MET A 38 -10.05 6.41 -1.93
N SER A 39 -9.59 5.19 -2.20
CA SER A 39 -8.15 4.95 -2.40
C SER A 39 -7.63 5.71 -3.61
N PRO A 40 -6.48 6.44 -3.52
CA PRO A 40 -5.89 7.07 -4.71
C PRO A 40 -5.32 5.95 -5.59
N SER A 41 -5.46 6.10 -6.92
CA SER A 41 -5.06 5.07 -7.89
C SER A 41 -4.41 5.76 -9.09
N SER A 42 -3.61 5.00 -9.86
CA SER A 42 -3.04 5.49 -11.10
C SER A 42 -4.17 5.93 -12.06
N LYS A 43 -3.92 7.06 -12.75
CA LYS A 43 -4.84 7.61 -13.75
C LYS A 43 -6.16 8.12 -13.13
N ARG A 44 -6.35 8.10 -11.79
CA ARG A 44 -7.68 8.13 -11.18
C ARG A 44 -8.64 7.19 -11.89
N SER A 45 -8.14 6.05 -12.39
CA SER A 45 -8.96 5.15 -13.20
C SER A 45 -9.73 4.26 -12.24
N ASN A 46 -9.08 3.86 -11.13
CA ASN A 46 -9.69 2.98 -10.17
C ASN A 46 -9.96 1.66 -10.87
N SER A 47 -8.89 0.89 -11.01
CA SER A 47 -8.94 -0.45 -11.58
C SER A 47 -9.61 -1.47 -10.69
N TRP A 48 -9.83 -1.14 -9.40
CA TRP A 48 -10.16 -2.16 -8.41
C TRP A 48 -11.65 -2.50 -8.43
N GLN A 49 -11.91 -3.69 -7.85
N GLN A 49 -11.94 -3.72 -7.93
CA GLN A 49 -13.22 -4.16 -7.48
CA GLN A 49 -13.26 -4.08 -7.43
C GLN A 49 -13.10 -4.83 -6.10
C GLN A 49 -13.10 -4.81 -6.10
N PHE A 50 -14.22 -4.90 -5.37
CA PHE A 50 -14.24 -5.45 -4.02
C PHE A 50 -15.42 -6.38 -3.86
N VAL A 51 -15.16 -7.58 -3.33
CA VAL A 51 -16.23 -8.43 -2.84
C VAL A 51 -16.18 -8.42 -1.30
N VAL A 52 -17.26 -7.89 -0.66
CA VAL A 52 -17.41 -7.79 0.77
C VAL A 52 -18.25 -8.96 1.27
N VAL A 53 -17.60 -9.83 2.06
CA VAL A 53 -18.17 -11.13 2.45
C VAL A 53 -18.49 -11.11 3.93
N ASP A 54 -19.76 -11.25 4.28
CA ASP A 54 -20.17 -11.48 5.67
C ASP A 54 -20.78 -12.88 5.88
N ASP A 55 -21.03 -13.62 4.82
CA ASP A 55 -21.69 -14.92 4.91
C ASP A 55 -20.69 -15.92 5.49
N LYS A 56 -21.09 -16.51 6.63
CA LYS A 56 -20.17 -17.37 7.38
C LYS A 56 -19.73 -18.57 6.55
N GLU A 57 -20.62 -19.17 5.77
CA GLU A 57 -20.24 -20.33 4.98
C GLU A 57 -19.16 -19.93 3.91
N LYS A 58 -19.32 -18.74 3.30
CA LYS A 58 -18.33 -18.22 2.35
C LYS A 58 -17.01 -17.88 3.06
N LEU A 59 -17.04 -17.35 4.28
CA LEU A 59 -15.81 -17.11 5.02
C LEU A 59 -15.09 -18.42 5.29
N LYS A 60 -15.84 -19.47 5.62
CA LYS A 60 -15.24 -20.78 5.82
C LYS A 60 -14.56 -21.25 4.53
N GLU A 61 -15.23 -21.12 3.38
CA GLU A 61 -14.64 -21.53 2.11
C GLU A 61 -13.36 -20.74 1.83
N LEU A 62 -13.37 -19.40 1.98
CA LEU A 62 -12.25 -18.54 1.70
C LEU A 62 -11.05 -18.90 2.57
N SER A 63 -11.33 -19.37 3.79
CA SER A 63 -10.32 -19.70 4.76
C SER A 63 -9.41 -20.86 4.25
N HIS A 64 -9.83 -21.58 3.19
CA HIS A 64 -9.01 -22.61 2.54
C HIS A 64 -8.15 -22.08 1.39
N CYS A 65 -8.04 -20.75 1.18
CA CYS A 65 -7.41 -20.27 -0.04
C CYS A 65 -5.88 -20.48 0.02
N LYS A 66 -5.31 -20.62 1.23
CA LYS A 66 -3.92 -21.03 1.49
C LYS A 66 -3.81 -21.97 2.69
N GLU A 67 -4.23 -23.26 2.61
CA GLU A 67 -3.97 -24.22 3.71
C GLU A 67 -4.31 -23.52 5.05
N GLN A 68 -3.28 -23.19 5.86
CA GLN A 68 -3.38 -22.89 7.28
C GLN A 68 -2.99 -21.43 7.59
N ALA A 69 -2.29 -20.73 6.69
CA ALA A 69 -2.04 -19.28 6.78
C ALA A 69 -3.35 -18.48 6.83
N SER A 70 -4.38 -18.96 6.11
CA SER A 70 -5.67 -18.31 5.83
C SER A 70 -6.79 -18.79 6.75
N SER A 71 -6.60 -19.83 7.55
CA SER A 71 -7.76 -20.50 8.14
C SER A 71 -8.51 -19.63 9.19
N PHE A 72 -7.86 -18.62 9.79
CA PHE A 72 -8.49 -17.65 10.68
C PHE A 72 -9.52 -16.71 10.00
N ILE A 73 -9.54 -16.59 8.67
CA ILE A 73 -10.60 -15.95 7.90
C ILE A 73 -11.99 -16.46 8.32
N ALA A 74 -12.12 -17.75 8.61
CA ALA A 74 -13.36 -18.37 9.05
C ALA A 74 -13.95 -17.70 10.30
N ASP A 75 -13.14 -17.13 11.20
CA ASP A 75 -13.61 -16.50 12.42
C ASP A 75 -13.82 -15.00 12.28
N ALA A 76 -13.52 -14.41 11.11
CA ALA A 76 -13.68 -12.99 10.94
C ALA A 76 -15.17 -12.58 10.87
N ALA A 77 -15.43 -11.32 11.20
CA ALA A 77 -16.75 -10.73 11.07
C ALA A 77 -17.03 -10.39 9.61
N LEU A 78 -15.98 -9.98 8.87
CA LEU A 78 -16.09 -9.53 7.49
C LEU A 78 -14.79 -9.86 6.78
N ALA A 79 -14.86 -10.18 5.48
CA ALA A 79 -13.67 -10.22 4.65
C ALA A 79 -13.93 -9.38 3.40
N ILE A 80 -12.93 -8.58 3.02
CA ILE A 80 -13.04 -7.81 1.80
C ILE A 80 -11.97 -8.34 0.87
N VAL A 81 -12.42 -8.89 -0.27
CA VAL A 81 -11.51 -9.42 -1.27
C VAL A 81 -11.23 -8.28 -2.25
N VAL A 82 -9.95 -8.00 -2.47
CA VAL A 82 -9.50 -6.86 -3.23
C VAL A 82 -8.95 -7.42 -4.55
N MET A 83 -9.49 -6.95 -5.65
CA MET A 83 -9.07 -7.37 -6.99
C MET A 83 -9.00 -6.18 -7.93
N ALA A 84 -8.39 -6.38 -9.09
CA ALA A 84 -8.23 -5.30 -10.04
C ALA A 84 -8.14 -5.81 -11.46
N ASP A 85 -8.49 -4.88 -12.36
CA ASP A 85 -8.55 -5.14 -13.80
C ASP A 85 -7.21 -4.79 -14.43
N PRO A 86 -6.38 -5.78 -14.83
CA PRO A 86 -5.08 -5.47 -15.40
C PRO A 86 -5.10 -4.68 -16.72
N LEU A 87 -6.24 -4.69 -17.43
CA LEU A 87 -6.41 -3.91 -18.62
C LEU A 87 -6.76 -2.47 -18.31
N ALA A 88 -7.26 -2.14 -17.12
CA ALA A 88 -7.50 -0.76 -16.74
C ALA A 88 -6.23 -0.12 -16.18
N SER A 89 -5.26 -0.93 -15.71
CA SER A 89 -4.04 -0.40 -15.12
C SER A 89 -2.92 -1.43 -15.18
N ASP A 90 -1.77 -1.02 -15.71
CA ASP A 90 -0.59 -1.90 -15.69
C ASP A 90 0.05 -1.91 -14.29
N VAL A 91 -0.33 -0.97 -13.39
CA VAL A 91 0.08 -0.98 -12.01
C VAL A 91 -1.10 -1.33 -11.10
N TRP A 92 -1.86 -2.34 -11.54
CA TRP A 92 -2.98 -2.84 -10.75
C TRP A 92 -2.50 -3.39 -9.38
N ILE A 93 -1.26 -3.89 -9.28
CA ILE A 93 -0.78 -4.39 -8.00
C ILE A 93 -0.70 -3.25 -6.98
N GLU A 94 -0.06 -2.17 -7.37
CA GLU A 94 0.00 -0.96 -6.57
C GLU A 94 -1.41 -0.48 -6.22
N ASP A 95 -2.34 -0.43 -7.19
CA ASP A 95 -3.64 0.17 -6.93
C ASP A 95 -4.38 -0.68 -5.88
N ALA A 96 -4.32 -2.03 -6.04
CA ALA A 96 -4.96 -2.95 -5.14
C ALA A 96 -4.33 -2.97 -3.74
N SER A 97 -3.01 -2.82 -3.70
CA SER A 97 -2.27 -2.74 -2.47
C SER A 97 -2.72 -1.55 -1.65
N ILE A 98 -2.77 -0.40 -2.33
CA ILE A 98 -3.16 0.83 -1.70
C ILE A 98 -4.58 0.69 -1.11
N ALA A 99 -5.55 0.21 -1.92
CA ALA A 99 -6.90 -0.03 -1.39
C ALA A 99 -6.87 -0.97 -0.17
N SER A 100 -6.08 -2.06 -0.23
CA SER A 100 -5.95 -3.03 0.86
C SER A 100 -5.53 -2.33 2.15
N ILE A 101 -4.48 -1.50 2.08
CA ILE A 101 -3.94 -0.91 3.31
C ILE A 101 -4.89 0.18 3.81
N MET A 102 -5.59 0.88 2.91
CA MET A 102 -6.55 1.90 3.32
C MET A 102 -7.70 1.26 4.12
N ILE A 103 -8.11 0.03 3.71
CA ILE A 103 -9.12 -0.71 4.46
C ILE A 103 -8.58 -1.00 5.87
N GLN A 104 -7.37 -1.54 5.98
CA GLN A 104 -6.78 -1.88 7.27
C GLN A 104 -6.65 -0.65 8.16
N LEU A 105 -6.20 0.45 7.59
CA LEU A 105 -6.06 1.67 8.39
C LEU A 105 -7.42 2.18 8.88
N GLN A 106 -8.46 2.09 8.05
CA GLN A 106 -9.82 2.43 8.47
C GLN A 106 -10.31 1.50 9.58
N ALA A 107 -10.03 0.19 9.47
CA ALA A 107 -10.39 -0.74 10.51
C ALA A 107 -9.75 -0.35 11.85
N GLU A 108 -8.47 -0.01 11.84
CA GLU A 108 -7.77 0.40 13.06
C GLU A 108 -8.45 1.64 13.65
N ASP A 109 -8.79 2.59 12.80
CA ASP A 109 -9.44 3.82 13.19
C ASP A 109 -10.79 3.59 13.89
N LEU A 110 -11.53 2.58 13.42
CA LEU A 110 -12.79 2.18 14.01
C LEU A 110 -12.59 1.34 15.26
N GLY A 111 -11.37 0.98 15.64
CA GLY A 111 -11.14 0.14 16.81
C GLY A 111 -11.33 -1.34 16.49
N LEU A 112 -11.30 -1.72 15.18
CA LEU A 112 -11.34 -3.12 14.80
C LEU A 112 -9.94 -3.60 14.48
N GLY A 113 -9.82 -4.91 14.37
CA GLY A 113 -8.61 -5.56 13.93
C GLY A 113 -8.77 -6.04 12.50
N SER A 114 -7.63 -6.24 11.84
CA SER A 114 -7.60 -6.77 10.52
C SER A 114 -6.28 -7.49 10.26
N CYS A 115 -6.35 -8.32 9.25
CA CYS A 115 -5.19 -9.01 8.72
C CYS A 115 -5.29 -9.11 7.19
N TRP A 116 -4.15 -8.86 6.54
CA TRP A 116 -4.03 -8.97 5.09
C TRP A 116 -3.62 -10.40 4.80
N VAL A 117 -4.45 -11.11 4.05
CA VAL A 117 -4.15 -12.43 3.53
C VAL A 117 -3.78 -12.28 2.07
N GLN A 118 -2.52 -12.54 1.76
CA GLN A 118 -1.99 -12.42 0.41
C GLN A 118 -2.54 -13.54 -0.45
N VAL A 119 -3.07 -13.20 -1.62
CA VAL A 119 -3.60 -14.10 -2.59
C VAL A 119 -2.68 -14.13 -3.81
N ARG A 120 -2.29 -12.95 -4.33
CA ARG A 120 -1.47 -12.97 -5.53
C ARG A 120 -0.16 -13.75 -5.24
N GLU A 121 0.23 -14.57 -6.20
CA GLU A 121 1.40 -15.43 -6.21
C GLU A 121 1.49 -16.32 -4.95
N ARG A 122 0.31 -16.76 -4.45
CA ARG A 122 0.16 -17.74 -3.41
C ARG A 122 -0.64 -18.91 -3.98
N PHE A 123 -0.58 -20.05 -3.30
CA PHE A 123 -1.13 -21.31 -3.79
C PHE A 123 -1.91 -22.03 -2.71
N THR A 124 -2.94 -22.75 -3.08
CA THR A 124 -3.67 -23.63 -2.15
C THR A 124 -2.85 -24.86 -1.81
N ALA A 125 -3.40 -25.69 -0.91
CA ALA A 125 -2.79 -26.96 -0.51
C ALA A 125 -2.43 -27.87 -1.70
N THR A 126 -3.23 -27.80 -2.78
CA THR A 126 -3.07 -28.68 -3.94
C THR A 126 -2.26 -28.01 -5.06
N GLY A 127 -1.71 -26.79 -4.86
CA GLY A 127 -0.89 -26.11 -5.85
C GLY A 127 -1.71 -25.34 -6.89
N MET A 128 -3.01 -25.24 -6.68
CA MET A 128 -3.87 -24.33 -7.40
C MET A 128 -3.51 -22.90 -7.00
N PRO A 129 -3.40 -21.94 -7.94
CA PRO A 129 -3.23 -20.54 -7.55
C PRO A 129 -4.37 -20.15 -6.60
N SER A 130 -4.05 -19.43 -5.51
CA SER A 130 -5.09 -18.99 -4.59
C SER A 130 -6.10 -18.09 -5.32
N ASP A 131 -5.63 -17.32 -6.28
CA ASP A 131 -6.45 -16.43 -7.09
C ASP A 131 -7.56 -17.23 -7.80
N GLU A 132 -7.20 -18.33 -8.44
CA GLU A 132 -8.14 -19.22 -9.10
C GLU A 132 -9.14 -19.83 -8.11
N PHE A 133 -8.66 -20.20 -6.91
CA PHE A 133 -9.54 -20.75 -5.90
C PHE A 133 -10.62 -19.73 -5.53
N VAL A 134 -10.20 -18.49 -5.29
CA VAL A 134 -11.10 -17.46 -4.79
C VAL A 134 -12.10 -17.09 -5.90
N HIS A 135 -11.64 -17.04 -7.14
CA HIS A 135 -12.46 -16.81 -8.31
C HIS A 135 -13.64 -17.78 -8.27
N GLY A 136 -13.36 -19.09 -8.04
CA GLY A 136 -14.38 -20.12 -7.95
C GLY A 136 -15.35 -19.93 -6.78
N ILE A 137 -14.85 -19.55 -5.59
CA ILE A 137 -15.72 -19.33 -4.42
C ILE A 137 -16.74 -18.21 -4.67
N LEU A 138 -16.29 -17.06 -5.25
CA LEU A 138 -17.09 -15.85 -5.28
C LEU A 138 -17.61 -15.48 -6.69
N ASP A 139 -17.52 -16.39 -7.67
CA ASP A 139 -17.95 -16.18 -9.05
C ASP A 139 -17.36 -14.91 -9.69
N ILE A 140 -16.06 -14.70 -9.53
CA ILE A 140 -15.41 -13.48 -10.02
C ILE A 140 -14.93 -13.76 -11.45
N PRO A 141 -15.11 -12.82 -12.41
CA PRO A 141 -14.67 -13.07 -13.78
C PRO A 141 -13.15 -13.23 -13.83
N LEU A 142 -12.66 -14.11 -14.71
CA LEU A 142 -11.27 -14.49 -14.75
C LEU A 142 -10.36 -13.36 -15.21
N GLN A 143 -10.90 -12.34 -15.86
CA GLN A 143 -10.16 -11.13 -16.20
C GLN A 143 -9.52 -10.46 -14.98
N LEU A 144 -10.31 -10.35 -13.88
CA LEU A 144 -9.88 -9.59 -12.70
C LEU A 144 -8.83 -10.44 -12.01
N GLN A 145 -7.78 -9.78 -11.52
CA GLN A 145 -6.79 -10.47 -10.69
C GLN A 145 -7.03 -10.15 -9.22
N ILE A 146 -6.95 -11.15 -8.37
CA ILE A 146 -7.13 -10.96 -6.93
C ILE A 146 -5.78 -10.74 -6.26
N LEU A 147 -5.70 -9.66 -5.47
CA LEU A 147 -4.49 -9.37 -4.69
C LEU A 147 -4.52 -10.04 -3.31
N SER A 148 -5.62 -9.82 -2.58
CA SER A 148 -5.60 -9.95 -1.13
C SER A 148 -7.02 -10.14 -0.62
N VAL A 149 -7.10 -10.71 0.59
CA VAL A 149 -8.33 -10.78 1.38
C VAL A 149 -8.03 -10.08 2.67
N ILE A 150 -8.79 -9.02 3.01
CA ILE A 150 -8.65 -8.38 4.31
C ILE A 150 -9.74 -8.93 5.24
N ALA A 151 -9.31 -9.75 6.20
CA ALA A 151 -10.12 -10.25 7.29
C ALA A 151 -10.25 -9.15 8.37
N ILE A 152 -11.47 -8.89 8.83
CA ILE A 152 -11.79 -7.81 9.76
C ILE A 152 -12.69 -8.39 10.89
N GLY A 153 -12.49 -7.83 12.09
CA GLY A 153 -13.27 -8.18 13.27
C GLY A 153 -12.83 -7.40 14.50
N HIS A 154 -13.71 -7.48 15.53
CA HIS A 154 -13.33 -7.10 16.87
C HIS A 154 -12.11 -7.90 17.35
N LYS A 155 -11.14 -7.18 17.94
CA LYS A 155 -9.84 -7.74 18.32
C LYS A 155 -9.98 -8.70 19.50
N GLY A 156 -9.48 -9.92 19.36
CA GLY A 156 -9.60 -10.98 20.37
C GLY A 156 -8.41 -11.03 21.33
N MET A 157 -7.30 -10.33 21.03
CA MET A 157 -6.23 -10.07 21.96
C MET A 157 -5.62 -8.68 21.69
N GLU A 158 -4.84 -8.17 22.67
CA GLU A 158 -4.01 -6.98 22.49
C GLU A 158 -2.74 -7.41 21.79
N ARG A 159 -2.17 -6.49 21.05
CA ARG A 159 -0.83 -6.67 20.53
C ARG A 159 -0.01 -5.46 20.93
N LYS A 160 1.31 -5.68 21.05
CA LYS A 160 2.22 -4.69 21.54
C LYS A 160 2.36 -3.62 20.46
N PRO A 161 2.52 -2.32 20.78
CA PRO A 161 2.85 -1.34 19.74
C PRO A 161 4.25 -1.63 19.21
N PHE A 162 4.59 -0.95 18.11
CA PHE A 162 5.89 -1.04 17.50
C PHE A 162 6.92 -0.41 18.44
N ASN A 163 8.01 -1.14 18.73
CA ASN A 163 9.07 -0.62 19.57
C ASN A 163 10.12 0.09 18.72
N GLU A 164 10.26 1.41 18.86
CA GLU A 164 11.08 2.18 17.96
C GLU A 164 12.55 1.89 18.13
N GLU A 165 12.92 1.20 19.21
CA GLU A 165 14.30 0.74 19.30
C GLU A 165 14.69 -0.10 18.08
N HIS A 166 13.71 -0.77 17.42
CA HIS A 166 13.90 -1.75 16.37
C HIS A 166 13.65 -1.16 14.97
N LEU A 167 13.54 0.17 14.87
CA LEU A 167 13.53 0.84 13.58
C LEU A 167 14.82 0.51 12.83
N GLN A 168 14.71 0.19 11.55
CA GLN A 168 15.87 -0.22 10.77
C GLN A 168 16.42 1.00 10.02
N TRP A 169 17.14 1.84 10.76
CA TRP A 169 17.70 3.07 10.23
C TRP A 169 18.71 2.87 9.09
N GLU A 170 19.33 1.70 9.00
CA GLU A 170 20.26 1.35 7.94
C GLU A 170 19.57 1.34 6.58
N LYS A 171 18.24 1.17 6.51
CA LYS A 171 17.47 1.26 5.28
C LYS A 171 17.13 2.68 4.82
N ILE A 172 17.53 3.71 5.56
CA ILE A 172 17.41 5.11 5.17
C ILE A 172 18.75 5.60 4.64
N HIS A 173 18.75 6.16 3.42
CA HIS A 173 19.93 6.59 2.70
C HIS A 173 19.70 8.06 2.36
N ILE A 174 20.69 8.92 2.55
CA ILE A 174 20.54 10.36 2.32
C ILE A 174 21.20 10.69 0.99
N ASN A 175 20.37 11.11 0.02
CA ASN A 175 20.71 11.65 -1.29
C ASN A 175 21.21 10.59 -2.27
N LYS A 176 21.84 9.54 -1.78
CA LYS A 176 22.24 8.44 -2.66
C LYS A 176 22.38 7.21 -1.81
N PHE A 177 22.32 6.05 -2.46
CA PHE A 177 22.48 4.83 -1.73
C PHE A 177 23.84 4.83 -1.03
N GLY A 178 23.78 4.52 0.27
CA GLY A 178 24.93 4.44 1.12
C GLY A 178 25.32 5.81 1.71
N GLY A 179 24.52 6.85 1.41
CA GLY A 179 24.84 8.17 1.96
C GLY A 179 24.24 8.29 3.37
N LYS A 180 24.92 9.10 4.21
CA LYS A 180 24.57 9.35 5.60
C LYS A 180 24.42 10.86 5.79
N ARG B 14 1.64 33.24 -2.86
CA ARG B 14 1.45 32.03 -3.69
C ARG B 14 2.40 32.15 -4.90
N SER B 15 2.56 31.00 -5.53
CA SER B 15 3.30 30.81 -6.74
C SER B 15 2.74 29.56 -7.43
N MET B 16 3.25 29.27 -8.64
CA MET B 16 2.87 28.07 -9.37
C MET B 16 3.58 26.84 -8.79
N ARG B 17 4.57 27.03 -7.89
CA ARG B 17 5.33 25.88 -7.43
C ARG B 17 4.33 24.86 -6.85
N LYS B 18 4.54 23.56 -7.08
CA LYS B 18 3.65 22.56 -6.48
C LYS B 18 3.70 22.51 -4.94
N PHE B 19 4.85 22.91 -4.42
CA PHE B 19 5.08 23.01 -2.99
C PHE B 19 5.73 24.38 -2.77
N THR B 20 5.51 24.92 -1.58
CA THR B 20 6.04 26.22 -1.19
C THR B 20 7.53 26.07 -0.88
N ASP B 21 8.14 27.23 -0.67
CA ASP B 21 9.45 27.45 -0.06
C ASP B 21 9.67 26.71 1.26
N GLU B 22 8.59 26.67 2.05
CA GLU B 22 8.62 26.45 3.49
C GLU B 22 9.34 25.11 3.79
N GLU B 23 10.38 25.24 4.62
CA GLU B 23 11.31 24.18 4.94
C GLU B 23 10.58 23.15 5.83
N LEU B 24 10.88 21.87 5.62
CA LEU B 24 10.55 20.82 6.59
C LEU B 24 11.41 20.96 7.84
N THR B 25 10.80 20.77 9.03
CA THR B 25 11.54 20.60 10.28
C THR B 25 12.19 19.21 10.30
N GLN B 26 13.31 19.11 11.02
CA GLN B 26 13.93 17.83 11.30
C GLN B 26 12.94 16.85 11.94
N ASP B 27 12.09 17.30 12.88
CA ASP B 27 11.07 16.46 13.47
C ASP B 27 10.12 15.85 12.41
N GLU B 28 9.69 16.66 11.43
CA GLU B 28 8.82 16.16 10.36
C GLU B 28 9.55 15.13 9.49
N VAL B 29 10.80 15.44 9.10
CA VAL B 29 11.56 14.55 8.25
C VAL B 29 11.72 13.20 8.95
N VAL B 30 12.10 13.22 10.23
CA VAL B 30 12.19 11.99 11.02
C VAL B 30 10.85 11.22 11.08
N ALA B 31 9.75 11.95 11.29
CA ALA B 31 8.44 11.32 11.36
C ALA B 31 8.10 10.57 10.05
N LEU B 32 8.51 11.15 8.92
CA LEU B 32 8.29 10.50 7.63
C LEU B 32 9.08 9.22 7.50
N MET B 33 10.35 9.27 7.90
CA MET B 33 11.23 8.11 7.83
C MET B 33 10.70 7.01 8.76
N LYS B 34 10.30 7.37 9.99
CA LYS B 34 9.67 6.41 10.88
C LYS B 34 8.44 5.78 10.30
N ALA B 35 7.55 6.55 9.65
CA ALA B 35 6.37 5.94 9.07
C ALA B 35 6.77 4.85 8.06
N ALA B 36 7.76 5.14 7.20
CA ALA B 36 8.24 4.20 6.19
C ALA B 36 8.73 2.94 6.88
N LEU B 37 9.61 3.11 7.90
CA LEU B 37 10.22 1.99 8.62
C LEU B 37 9.23 1.20 9.48
N MET B 38 8.06 1.75 9.80
CA MET B 38 7.03 1.00 10.57
C MET B 38 6.03 0.29 9.66
N SER B 39 6.23 0.29 8.33
CA SER B 39 5.25 -0.27 7.42
C SER B 39 5.12 -1.76 7.64
N PRO B 40 3.90 -2.34 7.66
CA PRO B 40 3.75 -3.81 7.74
C PRO B 40 4.16 -4.41 6.41
N SER B 41 4.88 -5.55 6.50
CA SER B 41 5.43 -6.22 5.32
C SER B 41 5.24 -7.71 5.49
N SER B 42 5.11 -8.41 4.36
CA SER B 42 4.90 -9.87 4.35
C SER B 42 5.97 -10.60 5.18
N LYS B 43 5.59 -11.37 6.19
CA LYS B 43 6.49 -12.10 7.10
C LYS B 43 7.50 -11.19 7.81
N ARG B 44 7.20 -9.89 7.94
CA ARG B 44 8.15 -8.94 8.53
C ARG B 44 9.50 -9.00 7.80
N SER B 45 9.45 -9.21 6.48
CA SER B 45 10.66 -9.34 5.68
C SER B 45 11.30 -7.96 5.50
N ASN B 46 10.47 -6.91 5.52
CA ASN B 46 10.91 -5.54 5.39
C ASN B 46 11.91 -5.42 4.22
N SER B 47 11.46 -5.82 3.02
CA SER B 47 12.31 -5.84 1.83
C SER B 47 12.74 -4.43 1.34
N TRP B 48 12.08 -3.37 1.84
CA TRP B 48 12.21 -2.03 1.33
C TRP B 48 13.47 -1.36 1.81
N GLN B 49 13.91 -0.37 1.00
CA GLN B 49 14.87 0.64 1.35
C GLN B 49 14.40 1.98 0.76
N PHE B 50 14.98 3.06 1.29
CA PHE B 50 14.49 4.41 1.02
C PHE B 50 15.71 5.29 0.78
N VAL B 51 15.64 6.06 -0.30
CA VAL B 51 16.57 7.15 -0.54
C VAL B 51 15.83 8.48 -0.35
N VAL B 52 16.32 9.31 0.58
CA VAL B 52 15.71 10.59 0.93
C VAL B 52 16.53 11.69 0.26
N VAL B 53 15.88 12.39 -0.68
CA VAL B 53 16.56 13.34 -1.54
C VAL B 53 16.12 14.75 -1.17
N ASP B 54 17.07 15.57 -0.73
CA ASP B 54 16.83 17.00 -0.45
C ASP B 54 17.69 17.93 -1.31
N ASP B 55 18.65 17.40 -2.09
CA ASP B 55 19.52 18.26 -2.91
C ASP B 55 18.72 18.81 -4.10
N LYS B 56 18.72 20.13 -4.30
CA LYS B 56 17.88 20.72 -5.33
C LYS B 56 18.28 20.30 -6.74
N GLU B 57 19.58 20.17 -7.03
CA GLU B 57 19.90 19.80 -8.44
C GLU B 57 19.54 18.33 -8.63
N LYS B 58 19.67 17.48 -7.59
CA LYS B 58 19.23 16.08 -7.72
C LYS B 58 17.72 15.96 -7.87
N LEU B 59 16.93 16.77 -7.14
CA LEU B 59 15.48 16.78 -7.32
C LEU B 59 15.16 17.17 -8.73
N LYS B 60 15.87 18.17 -9.32
CA LYS B 60 15.64 18.51 -10.71
C LYS B 60 15.97 17.33 -11.63
N GLU B 61 17.10 16.66 -11.44
CA GLU B 61 17.41 15.49 -12.27
C GLU B 61 16.36 14.40 -12.09
N LEU B 62 16.03 14.09 -10.81
CA LEU B 62 15.13 13.00 -10.44
C LEU B 62 13.76 13.21 -11.08
N SER B 63 13.35 14.48 -11.19
CA SER B 63 12.08 14.85 -11.79
C SER B 63 11.90 14.32 -13.21
N HIS B 64 12.97 13.98 -13.92
CA HIS B 64 12.81 13.46 -15.28
C HIS B 64 12.56 11.96 -15.30
N CYS B 65 12.40 11.33 -14.14
CA CYS B 65 12.01 9.93 -14.09
C CYS B 65 10.58 9.76 -14.66
N LYS B 66 9.81 10.88 -14.71
CA LYS B 66 8.42 10.86 -15.20
C LYS B 66 8.45 11.24 -16.68
N GLU B 67 7.67 10.57 -17.52
CA GLU B 67 7.66 10.81 -18.95
C GLU B 67 7.62 12.31 -19.29
N GLN B 68 6.57 13.03 -18.84
CA GLN B 68 6.65 14.49 -18.73
C GLN B 68 7.16 14.81 -17.32
N ALA B 69 8.32 15.49 -17.21
CA ALA B 69 9.09 15.66 -15.98
C ALA B 69 8.17 16.12 -14.85
N SER B 70 8.39 15.62 -13.63
CA SER B 70 7.45 15.88 -12.53
C SER B 70 7.80 17.22 -11.85
N SER B 71 6.90 18.20 -11.93
CA SER B 71 7.18 19.45 -11.20
C SER B 71 6.96 19.26 -9.69
N PHE B 72 6.17 18.26 -9.25
CA PHE B 72 6.11 17.93 -7.84
C PHE B 72 7.48 17.54 -7.32
N ILE B 73 8.20 16.58 -8.01
CA ILE B 73 9.56 16.24 -7.57
C ILE B 73 10.47 17.51 -7.60
N ALA B 74 10.50 18.20 -8.71
CA ALA B 74 11.40 19.35 -8.89
C ALA B 74 11.19 20.45 -7.84
N ASP B 75 9.94 20.66 -7.43
CA ASP B 75 9.59 21.69 -6.45
C ASP B 75 9.54 21.17 -5.01
N ALA B 76 9.87 19.91 -4.74
CA ALA B 76 9.68 19.31 -3.44
C ALA B 76 10.65 19.85 -2.40
N ALA B 77 10.21 19.82 -1.15
CA ALA B 77 11.13 20.02 -0.02
C ALA B 77 12.06 18.81 0.13
N LEU B 78 11.50 17.63 -0.21
CA LEU B 78 12.09 16.32 0.02
C LEU B 78 11.42 15.42 -1.02
N ALA B 79 12.17 14.39 -1.47
CA ALA B 79 11.57 13.26 -2.14
C ALA B 79 12.05 11.98 -1.50
N ILE B 80 11.16 11.00 -1.37
CA ILE B 80 11.58 9.72 -0.82
C ILE B 80 11.36 8.69 -1.91
N VAL B 81 12.46 8.04 -2.29
CA VAL B 81 12.43 7.04 -3.35
C VAL B 81 12.31 5.70 -2.64
N VAL B 82 11.30 4.94 -2.98
CA VAL B 82 10.92 3.70 -2.34
C VAL B 82 11.35 2.58 -3.27
N MET B 83 12.13 1.67 -2.73
CA MET B 83 12.68 0.55 -3.50
C MET B 83 12.65 -0.69 -2.63
N ALA B 84 12.99 -1.84 -3.21
CA ALA B 84 12.91 -3.10 -2.50
C ALA B 84 13.79 -4.14 -3.14
N ASP B 85 14.19 -5.12 -2.30
CA ASP B 85 14.99 -6.25 -2.68
C ASP B 85 14.06 -7.42 -3.01
N PRO B 86 13.90 -7.79 -4.30
CA PRO B 86 13.01 -8.88 -4.67
C PRO B 86 13.41 -10.25 -4.13
N LEU B 87 14.67 -10.45 -3.69
CA LEU B 87 15.07 -11.71 -3.11
C LEU B 87 14.63 -11.82 -1.67
N ALA B 88 14.39 -10.69 -0.99
CA ALA B 88 13.86 -10.69 0.36
C ALA B 88 12.36 -10.98 0.37
N SER B 89 11.62 -10.67 -0.74
CA SER B 89 10.16 -10.80 -0.78
C SER B 89 9.66 -10.90 -2.22
N ASP B 90 8.88 -11.95 -2.54
CA ASP B 90 8.21 -12.04 -3.83
C ASP B 90 7.02 -11.08 -3.95
N VAL B 91 6.59 -10.49 -2.83
CA VAL B 91 5.53 -9.49 -2.82
C VAL B 91 6.12 -8.13 -2.46
N TRP B 92 7.31 -7.87 -2.96
CA TRP B 92 7.99 -6.59 -2.78
C TRP B 92 7.17 -5.42 -3.30
N ILE B 93 6.39 -5.61 -4.37
CA ILE B 93 5.58 -4.55 -4.89
C ILE B 93 4.53 -4.14 -3.86
N GLU B 94 3.81 -5.13 -3.38
CA GLU B 94 2.83 -4.89 -2.30
C GLU B 94 3.46 -4.17 -1.09
N ASP B 95 4.61 -4.62 -0.65
CA ASP B 95 5.29 -4.12 0.54
C ASP B 95 5.72 -2.66 0.28
N ALA B 96 6.25 -2.36 -0.89
CA ALA B 96 6.71 -1.02 -1.21
C ALA B 96 5.55 -0.03 -1.39
N SER B 97 4.50 -0.53 -2.01
CA SER B 97 3.27 0.26 -2.15
C SER B 97 2.71 0.67 -0.78
N ILE B 98 2.67 -0.30 0.14
CA ILE B 98 2.24 -0.04 1.53
C ILE B 98 3.12 1.04 2.13
N ALA B 99 4.44 0.90 2.00
CA ALA B 99 5.36 1.85 2.59
C ALA B 99 5.15 3.25 1.97
N SER B 100 4.84 3.33 0.66
CA SER B 100 4.60 4.56 -0.08
C SER B 100 3.42 5.30 0.50
N ILE B 101 2.33 4.56 0.72
CA ILE B 101 1.11 5.10 1.28
C ILE B 101 1.27 5.57 2.69
N MET B 102 2.02 4.79 3.49
CA MET B 102 2.25 5.17 4.88
C MET B 102 2.98 6.53 4.89
N ILE B 103 3.95 6.72 3.95
CA ILE B 103 4.64 8.03 3.89
C ILE B 103 3.65 9.16 3.60
N GLN B 104 2.81 8.98 2.58
CA GLN B 104 1.88 10.02 2.18
C GLN B 104 0.87 10.33 3.27
N LEU B 105 0.32 9.30 3.89
CA LEU B 105 -0.65 9.55 4.97
C LEU B 105 -0.01 10.24 6.16
N GLN B 106 1.23 9.89 6.50
CA GLN B 106 1.94 10.58 7.55
C GLN B 106 2.20 12.04 7.16
N ALA B 107 2.55 12.31 5.91
CA ALA B 107 2.72 13.70 5.45
C ALA B 107 1.44 14.50 5.66
N GLU B 108 0.31 13.93 5.26
CA GLU B 108 -1.00 14.57 5.39
C GLU B 108 -1.26 14.89 6.87
N ASP B 109 -0.94 13.93 7.74
CA ASP B 109 -1.17 14.13 9.17
C ASP B 109 -0.31 15.25 9.76
N LEU B 110 0.88 15.49 9.20
CA LEU B 110 1.77 16.59 9.58
C LEU B 110 1.32 17.93 9.00
N GLY B 111 0.26 17.99 8.18
CA GLY B 111 -0.05 19.21 7.44
C GLY B 111 0.85 19.44 6.22
N LEU B 112 1.53 18.39 5.70
CA LEU B 112 2.26 18.53 4.45
C LEU B 112 1.45 17.91 3.32
N GLY B 113 1.97 18.09 2.11
CA GLY B 113 1.40 17.56 0.91
C GLY B 113 2.36 16.55 0.34
N SER B 114 1.85 15.65 -0.49
CA SER B 114 2.68 14.71 -1.17
C SER B 114 2.12 14.36 -2.55
N CYS B 115 2.94 13.69 -3.36
CA CYS B 115 2.59 13.25 -4.68
C CYS B 115 3.36 11.95 -4.93
N TRP B 116 2.62 10.89 -5.25
CA TRP B 116 3.23 9.63 -5.65
C TRP B 116 3.54 9.70 -7.14
N VAL B 117 4.84 9.59 -7.49
CA VAL B 117 5.28 9.45 -8.85
C VAL B 117 5.62 7.97 -9.07
N GLN B 118 4.89 7.33 -9.96
CA GLN B 118 5.07 5.91 -10.19
C GLN B 118 6.38 5.70 -11.02
N VAL B 119 7.21 4.71 -10.66
CA VAL B 119 8.46 4.38 -11.30
C VAL B 119 8.33 2.98 -11.93
N ARG B 120 7.89 1.99 -11.17
CA ARG B 120 7.78 0.67 -11.76
C ARG B 120 6.82 0.72 -12.96
N GLU B 121 7.24 0.10 -14.08
CA GLU B 121 6.46 -0.02 -15.31
C GLU B 121 6.29 1.31 -16.00
N ARG B 122 7.04 2.34 -15.62
CA ARG B 122 7.02 3.62 -16.29
C ARG B 122 8.34 3.92 -17.01
N PHE B 123 8.27 4.94 -17.89
CA PHE B 123 9.33 5.27 -18.82
C PHE B 123 9.55 6.79 -18.79
N THR B 124 10.77 7.21 -19.09
CA THR B 124 11.13 8.60 -19.16
C THR B 124 10.67 9.17 -20.51
N ALA B 125 10.87 10.47 -20.72
CA ALA B 125 10.60 11.14 -22.01
C ALA B 125 11.22 10.43 -23.21
N THR B 126 12.39 9.80 -23.07
CA THR B 126 13.12 9.18 -24.18
C THR B 126 12.93 7.65 -24.17
N GLY B 127 11.97 7.14 -23.39
CA GLY B 127 11.58 5.75 -23.38
C GLY B 127 12.50 4.85 -22.55
N MET B 128 13.44 5.43 -21.81
CA MET B 128 14.24 4.70 -20.84
C MET B 128 13.35 4.23 -19.69
N PRO B 129 13.42 2.96 -19.24
CA PRO B 129 12.69 2.54 -18.03
C PRO B 129 13.00 3.49 -16.89
N SER B 130 11.99 3.96 -16.17
CA SER B 130 12.19 4.96 -15.13
C SER B 130 13.06 4.42 -14.02
N ASP B 131 12.93 3.11 -13.72
CA ASP B 131 13.77 2.48 -12.71
C ASP B 131 15.25 2.62 -13.09
N GLU B 132 15.59 2.31 -14.34
CA GLU B 132 16.96 2.45 -14.83
C GLU B 132 17.49 3.88 -14.74
N PHE B 133 16.66 4.80 -15.11
CA PHE B 133 17.02 6.20 -14.98
C PHE B 133 17.32 6.54 -13.52
N VAL B 134 16.45 6.18 -12.57
CA VAL B 134 16.63 6.54 -11.16
C VAL B 134 17.88 5.90 -10.58
N HIS B 135 18.11 4.61 -10.93
CA HIS B 135 19.34 3.96 -10.57
C HIS B 135 20.56 4.79 -10.91
N GLY B 136 20.63 5.30 -12.12
CA GLY B 136 21.72 6.15 -12.59
C GLY B 136 21.83 7.47 -11.83
N ILE B 137 20.71 8.12 -11.49
CA ILE B 137 20.72 9.43 -10.83
C ILE B 137 21.21 9.34 -9.38
N LEU B 138 20.80 8.31 -8.65
CA LEU B 138 21.00 8.18 -7.22
C LEU B 138 22.00 7.09 -6.87
N ASP B 139 22.68 6.47 -7.86
CA ASP B 139 23.74 5.49 -7.65
C ASP B 139 23.21 4.33 -6.82
N ILE B 140 22.15 3.70 -7.28
CA ILE B 140 21.48 2.68 -6.50
C ILE B 140 21.95 1.35 -7.02
N PRO B 141 22.25 0.35 -6.17
CA PRO B 141 22.58 -0.99 -6.64
C PRO B 141 21.44 -1.58 -7.48
N LEU B 142 21.82 -2.38 -8.48
CA LEU B 142 20.91 -3.11 -9.35
C LEU B 142 20.14 -4.13 -8.55
N GLN B 143 20.59 -4.53 -7.35
CA GLN B 143 19.88 -5.53 -6.57
C GLN B 143 18.54 -4.98 -6.08
N LEU B 144 18.36 -3.65 -6.07
CA LEU B 144 17.14 -3.05 -5.58
C LEU B 144 16.29 -2.63 -6.78
N GLN B 145 14.96 -2.79 -6.68
CA GLN B 145 14.00 -2.39 -7.71
C GLN B 145 13.20 -1.21 -7.19
N ILE B 146 13.01 -0.21 -8.03
CA ILE B 146 12.34 1.02 -7.61
C ILE B 146 10.84 0.93 -7.88
N LEU B 147 10.03 1.29 -6.88
CA LEU B 147 8.59 1.40 -7.04
C LEU B 147 8.18 2.83 -7.43
N SER B 148 8.59 3.80 -6.63
CA SER B 148 7.95 5.10 -6.63
C SER B 148 8.90 6.15 -6.10
N VAL B 149 8.50 7.40 -6.35
CA VAL B 149 9.09 8.58 -5.72
C VAL B 149 7.98 9.37 -5.06
N ILE B 150 8.04 9.56 -3.73
CA ILE B 150 7.04 10.34 -3.02
C ILE B 150 7.66 11.71 -2.81
N ALA B 151 7.14 12.69 -3.53
CA ALA B 151 7.53 14.08 -3.37
C ALA B 151 6.71 14.70 -2.22
N ILE B 152 7.38 15.46 -1.34
CA ILE B 152 6.78 16.00 -0.13
C ILE B 152 7.16 17.46 0.00
N GLY B 153 6.20 18.25 0.49
CA GLY B 153 6.43 19.64 0.87
C GLY B 153 5.15 20.24 1.41
N HIS B 154 5.23 21.52 1.76
CA HIS B 154 4.06 22.30 2.08
C HIS B 154 3.31 22.51 0.78
N LYS B 155 1.99 22.30 0.79
CA LYS B 155 1.11 22.35 -0.38
C LYS B 155 1.06 23.77 -0.96
N GLY B 156 1.27 23.93 -2.29
CA GLY B 156 1.22 25.24 -2.94
C GLY B 156 -0.13 25.91 -2.79
N HIS B 166 -17.57 11.39 -4.63
CA HIS B 166 -18.23 10.70 -5.78
C HIS B 166 -17.81 9.23 -5.87
N LEU B 167 -18.06 8.52 -4.77
CA LEU B 167 -17.53 7.18 -4.60
C LEU B 167 -18.15 6.23 -5.62
N GLN B 168 -17.35 5.31 -6.16
CA GLN B 168 -17.83 4.40 -7.19
C GLN B 168 -18.38 3.15 -6.53
N TRP B 169 -19.62 3.25 -6.04
CA TRP B 169 -20.30 2.13 -5.38
C TRP B 169 -20.51 0.90 -6.24
N GLU B 170 -20.52 1.06 -7.55
CA GLU B 170 -20.69 -0.01 -8.50
C GLU B 170 -19.55 -1.01 -8.42
N LYS B 171 -18.42 -0.60 -7.78
CA LYS B 171 -17.31 -1.50 -7.59
C LYS B 171 -17.42 -2.42 -6.35
N ILE B 172 -18.46 -2.27 -5.54
CA ILE B 172 -18.75 -3.02 -4.32
C ILE B 172 -19.73 -4.11 -4.62
N HIS B 173 -19.32 -5.37 -4.35
CA HIS B 173 -20.19 -6.54 -4.50
C HIS B 173 -20.38 -7.18 -3.14
N ILE B 174 -21.59 -7.68 -2.82
CA ILE B 174 -21.89 -8.23 -1.54
C ILE B 174 -21.93 -9.77 -1.69
N ASN B 175 -21.01 -10.44 -0.99
CA ASN B 175 -20.99 -11.90 -0.82
C ASN B 175 -20.61 -12.67 -2.09
N LYS B 176 -20.91 -12.15 -3.28
CA LYS B 176 -20.30 -12.67 -4.47
C LYS B 176 -20.32 -11.61 -5.55
N PHE B 177 -19.53 -11.86 -6.57
CA PHE B 177 -19.43 -10.93 -7.66
C PHE B 177 -20.79 -10.81 -8.35
N GLY B 178 -21.28 -9.57 -8.42
CA GLY B 178 -22.56 -9.24 -8.99
C GLY B 178 -23.73 -9.42 -8.04
N GLY B 179 -23.50 -9.85 -6.79
CA GLY B 179 -24.56 -9.98 -5.83
C GLY B 179 -25.30 -11.31 -5.98
N LYS B 180 -25.89 -11.77 -4.87
CA LYS B 180 -27.03 -12.68 -4.80
C LYS B 180 -26.98 -13.44 -3.46
#